data_2H7H
#
_entry.id   2H7H
#
_cell.length_a   42.258
_cell.length_b   74.203
_cell.length_c   58.303
_cell.angle_alpha   90.00
_cell.angle_beta   111.25
_cell.angle_gamma   90.00
#
_symmetry.space_group_name_H-M   'P 1 21 1'
#
loop_
_entity.id
_entity.type
_entity.pdbx_description
1 polymer "5'-D(*CP*GP*TP*CP*GP*AP*TP*GP*AP*CP*TP*CP*AP*TP*CP*GP*AP*CP*G)-3'"
2 polymer "5'-D(*CP*GP*TP*CP*GP*AP*TP*GP*AP*GP*TP*CP*AP*TP*CP*GP*AP*CP*G)-3'"
3 polymer 'Viral jun transforming protein'
4 water water
#
loop_
_entity_poly.entity_id
_entity_poly.type
_entity_poly.pdbx_seq_one_letter_code
_entity_poly.pdbx_strand_id
1 'polydeoxyribonucleotide' (DC)(DG)(DT)(DC)(DG)(DA)(DT)(DG)(DA)(DC)(DT)(DC)(DA)(DT)(DC)(DG)(DA)(DC)(DG) X
2 'polydeoxyribonucleotide' (DC)(DG)(DT)(DC)(DG)(DA)(DT)(DG)(DA)(DG)(DT)(DC)(DA)(DT)(DC)(DG)(DA)(DC)(DG) Y
3 'polypeptide(L)' KAERKRMRNRIAASKSRKRKLERIARLEEKVKTLKAQNSELASTANMLREQVAQLKQKVMNH A,B
#
# COMPACT_ATOMS: atom_id res chain seq x y z
N LYS C 1 7.33 43.03 3.14
CA LYS C 1 6.55 43.32 1.90
C LYS C 1 5.62 42.18 1.49
N ALA C 2 4.81 42.47 0.48
CA ALA C 2 3.89 41.51 -0.10
C ALA C 2 4.63 40.71 -1.15
N GLU C 3 5.70 41.30 -1.68
CA GLU C 3 6.60 40.60 -2.61
C GLU C 3 7.40 39.52 -1.89
N ARG C 4 7.83 39.83 -0.68
CA ARG C 4 8.60 38.91 0.14
C ARG C 4 7.74 37.74 0.62
N LYS C 5 6.51 38.03 1.02
CA LYS C 5 5.56 37.02 1.49
C LYS C 5 5.18 36.08 0.36
N ARG C 6 5.04 36.65 -0.82
CA ARG C 6 4.64 35.93 -2.01
C ARG C 6 5.73 34.93 -2.35
N MET C 7 6.97 35.31 -2.09
CA MET C 7 8.16 34.47 -2.33
C MET C 7 8.36 33.39 -1.27
N ARG C 8 8.04 33.71 -0.02
CA ARG C 8 8.10 32.70 1.02
C ARG C 8 7.03 31.67 0.80
N ASN C 9 5.89 32.08 0.25
CA ASN C 9 4.76 31.16 0.02
C ASN C 9 5.00 30.24 -1.16
N ARG C 10 5.89 30.67 -2.06
CA ARG C 10 6.25 29.94 -3.26
C ARG C 10 7.08 28.74 -2.88
N ILE C 11 7.92 28.92 -1.87
CA ILE C 11 8.69 27.83 -1.31
C ILE C 11 7.79 26.93 -0.44
N ALA C 12 6.86 27.54 0.28
CA ALA C 12 5.96 26.75 1.12
C ALA C 12 5.12 25.84 0.23
N ALA C 13 4.71 26.37 -0.92
CA ALA C 13 3.82 25.64 -1.81
C ALA C 13 4.59 24.50 -2.49
N SER C 14 5.85 24.75 -2.86
CA SER C 14 6.63 23.69 -3.46
C SER C 14 7.03 22.60 -2.46
N LYS C 15 7.22 22.97 -1.19
CA LYS C 15 7.51 22.02 -0.14
C LYS C 15 6.28 21.15 0.13
N SER C 16 5.11 21.75 0.03
CA SER C 16 3.85 21.05 0.22
C SER C 16 3.65 19.99 -0.88
N ARG C 17 3.85 20.39 -2.14
CA ARG C 17 3.81 19.48 -3.28
C ARG C 17 4.85 18.35 -3.12
N LYS C 18 6.05 18.69 -2.67
CA LYS C 18 7.11 17.72 -2.51
C LYS C 18 6.68 16.57 -1.58
N ARG C 19 6.19 16.91 -0.39
CA ARG C 19 5.86 15.88 0.57
C ARG C 19 4.57 15.16 0.25
N LYS C 20 3.79 15.70 -0.66
CA LYS C 20 2.72 14.95 -1.28
C LYS C 20 3.25 13.81 -2.15
N LEU C 21 4.23 14.12 -3.00
CA LEU C 21 4.93 13.10 -3.79
C LEU C 21 5.69 12.10 -2.91
N GLU C 22 6.37 12.59 -1.88
CA GLU C 22 7.04 11.74 -0.89
C GLU C 22 6.06 10.77 -0.24
N ARG C 23 4.85 11.25 0.03
CA ARG C 23 3.85 10.36 0.62
C ARG C 23 3.39 9.30 -0.38
N ILE C 24 3.16 9.70 -1.63
CA ILE C 24 2.76 8.75 -2.67
C ILE C 24 3.80 7.64 -2.80
N ALA C 25 5.08 8.02 -2.77
CA ALA C 25 6.17 7.05 -2.91
C ALA C 25 6.31 6.07 -1.73
N ARG C 26 6.12 6.53 -0.50
CA ARG C 26 6.14 5.63 0.65
C ARG C 26 5.00 4.64 0.56
N LEU C 27 3.80 5.14 0.26
CA LEU C 27 2.65 4.26 0.11
C LEU C 27 2.85 3.19 -0.96
N GLU C 28 3.41 3.60 -2.11
CA GLU C 28 3.63 2.65 -3.20
C GLU C 28 4.71 1.61 -2.88
N GLU C 29 5.75 2.03 -2.18
CA GLU C 29 6.76 1.10 -1.72
C GLU C 29 6.23 0.19 -0.62
N LYS C 30 5.32 0.70 0.21
CA LYS C 30 4.68 -0.15 1.18
C LYS C 30 3.88 -1.27 0.55
N VAL C 31 3.15 -1.00 -0.52
CA VAL C 31 2.35 -2.08 -1.10
C VAL C 31 3.22 -3.03 -1.91
N LYS C 32 4.32 -2.51 -2.44
CA LYS C 32 5.30 -3.32 -3.14
C LYS C 32 5.91 -4.30 -2.15
N THR C 33 6.21 -3.80 -0.95
CA THR C 33 6.86 -4.61 0.07
C THR C 33 5.88 -5.60 0.72
N LEU C 34 4.60 -5.26 0.82
CA LEU C 34 3.61 -6.20 1.38
C LEU C 34 3.24 -7.28 0.39
N LYS C 35 3.24 -6.95 -0.91
CA LYS C 35 3.09 -7.96 -1.96
C LYS C 35 4.18 -9.04 -1.96
N ALA C 36 5.41 -8.63 -1.65
CA ALA C 36 6.55 -9.53 -1.65
C ALA C 36 6.40 -10.48 -0.50
N GLN C 37 6.04 -9.93 0.66
CA GLN C 37 5.80 -10.71 1.87
C GLN C 37 4.62 -11.65 1.70
N ASN C 38 3.54 -11.15 1.10
CA ASN C 38 2.38 -11.96 0.80
C ASN C 38 2.74 -13.24 0.07
N SER C 39 3.54 -13.06 -0.97
CA SER C 39 4.02 -14.18 -1.78
C SER C 39 4.96 -15.09 -0.99
N GLU C 40 5.85 -14.49 -0.21
CA GLU C 40 6.74 -15.23 0.68
C GLU C 40 5.90 -16.07 1.64
N LEU C 41 4.99 -15.42 2.35
CA LEU C 41 4.16 -16.12 3.35
C LEU C 41 3.24 -17.16 2.71
N ALA C 42 2.78 -16.91 1.49
CA ALA C 42 1.81 -17.82 0.86
C ALA C 42 2.47 -19.04 0.25
N SER C 43 3.68 -18.88 -0.30
CA SER C 43 4.45 -20.04 -0.74
C SER C 43 4.92 -20.91 0.42
N THR C 44 5.30 -20.29 1.51
CA THR C 44 5.70 -21.04 2.70
C THR C 44 4.54 -21.86 3.21
N ALA C 45 3.38 -21.24 3.34
CA ALA C 45 2.20 -21.96 3.75
C ALA C 45 2.02 -23.17 2.82
N ASN C 46 2.13 -22.95 1.51
CA ASN C 46 2.06 -24.03 0.52
C ASN C 46 3.09 -25.13 0.74
N MET C 47 4.35 -24.75 0.91
CA MET C 47 5.40 -25.71 1.27
C MET C 47 5.10 -26.46 2.57
N LEU C 48 4.32 -25.87 3.45
CA LEU C 48 4.01 -26.52 4.73
C LEU C 48 2.79 -27.43 4.63
N ARG C 49 1.85 -27.08 3.75
CA ARG C 49 0.72 -27.95 3.43
C ARG C 49 1.19 -29.30 2.85
N GLU C 50 2.18 -29.25 1.97
CA GLU C 50 2.78 -30.47 1.43
C GLU C 50 3.51 -31.30 2.48
N GLN C 51 4.21 -30.65 3.40
CA GLN C 51 4.86 -31.37 4.49
C GLN C 51 3.83 -32.07 5.36
N VAL C 52 2.63 -31.50 5.44
CA VAL C 52 1.54 -32.08 6.24
C VAL C 52 0.97 -33.31 5.55
N ALA C 53 0.57 -33.15 4.28
CA ALA C 53 -0.01 -34.23 3.49
C ALA C 53 1.01 -35.33 3.16
N GLN C 54 2.28 -35.09 3.48
CA GLN C 54 3.32 -36.10 3.25
C GLN C 54 3.77 -36.78 4.53
N LEU C 55 3.54 -36.12 5.66
CA LEU C 55 3.79 -36.74 6.96
C LEU C 55 2.60 -37.58 7.40
N LYS C 56 1.41 -37.27 6.87
CA LYS C 56 0.24 -38.06 7.22
C LYS C 56 0.15 -39.34 6.38
N GLN C 57 1.31 -39.74 5.87
CA GLN C 57 1.49 -41.03 5.24
C GLN C 57 2.23 -41.94 6.21
N LYS C 58 2.74 -43.08 5.74
CA LYS C 58 3.39 -44.09 6.58
C LYS C 58 2.83 -45.50 6.36
N LYS D 1 -14.67 35.12 -22.72
CA LYS D 1 -13.83 34.12 -23.46
C LYS D 1 -12.59 33.71 -22.68
N ALA D 2 -11.90 34.70 -22.11
CA ALA D 2 -10.88 34.44 -21.12
C ALA D 2 -11.58 33.90 -19.89
N GLU D 3 -12.65 34.59 -19.49
CA GLU D 3 -13.55 34.18 -18.41
C GLU D 3 -14.05 32.76 -18.50
N ARG D 4 -14.53 32.36 -19.68
CA ARG D 4 -15.11 31.06 -19.86
C ARG D 4 -14.05 29.99 -19.70
N LYS D 5 -12.86 30.21 -20.26
CA LYS D 5 -11.75 29.24 -20.16
C LYS D 5 -11.22 29.15 -18.71
N ARG D 6 -11.14 30.29 -18.06
CA ARG D 6 -10.75 30.38 -16.67
C ARG D 6 -11.71 29.53 -15.79
N MET D 7 -12.99 29.51 -16.15
CA MET D 7 -13.99 28.69 -15.45
C MET D 7 -13.86 27.20 -15.76
N ARG D 8 -13.71 26.87 -17.04
CA ARG D 8 -13.45 25.47 -17.41
C ARG D 8 -12.19 24.95 -16.74
N ASN D 9 -11.15 25.78 -16.61
CA ASN D 9 -9.92 25.36 -15.93
C ASN D 9 -10.07 25.15 -14.43
N ARG D 10 -10.96 25.92 -13.81
CA ARG D 10 -11.27 25.81 -12.39
C ARG D 10 -11.86 24.42 -12.08
N ILE D 11 -12.66 23.91 -12.99
CA ILE D 11 -13.25 22.58 -12.89
C ILE D 11 -12.22 21.51 -13.16
N ALA D 12 -11.33 21.77 -14.11
CA ALA D 12 -10.31 20.80 -14.43
C ALA D 12 -9.35 20.65 -13.24
N ALA D 13 -8.94 21.79 -12.65
CA ALA D 13 -8.13 21.80 -11.44
C ALA D 13 -8.82 21.01 -10.32
N SER D 14 -10.15 21.16 -10.16
CA SER D 14 -10.90 20.43 -9.13
C SER D 14 -10.85 18.93 -9.36
N LYS D 15 -10.98 18.54 -10.63
CA LYS D 15 -10.99 17.14 -11.02
C LYS D 15 -9.62 16.53 -10.77
N SER D 16 -8.59 17.29 -11.10
CA SER D 16 -7.22 16.89 -10.87
C SER D 16 -6.95 16.62 -9.37
N ARG D 17 -7.29 17.58 -8.51
CA ARG D 17 -7.11 17.41 -7.07
C ARG D 17 -7.89 16.20 -6.55
N LYS D 18 -9.16 16.02 -7.01
CA LYS D 18 -10.01 14.92 -6.58
C LYS D 18 -9.40 13.57 -6.94
N ARG D 19 -8.92 13.36 -8.12
CA ARG D 19 -8.36 12.05 -8.42
C ARG D 19 -6.96 11.79 -7.88
N LYS D 20 -6.30 12.84 -7.43
CA LYS D 20 -5.12 12.69 -6.59
C LYS D 20 -5.55 12.13 -5.25
N LEU D 21 -6.64 12.66 -4.70
CA LEU D 21 -7.20 12.17 -3.43
C LEU D 21 -7.76 10.75 -3.54
N GLU D 22 -8.42 10.46 -4.66
CA GLU D 22 -8.92 9.11 -4.96
C GLU D 22 -7.77 8.15 -5.12
N ARG D 23 -6.65 8.62 -5.66
CA ARG D 23 -5.46 7.78 -5.75
C ARG D 23 -4.95 7.45 -4.34
N ILE D 24 -4.81 8.46 -3.47
CA ILE D 24 -4.35 8.22 -2.11
C ILE D 24 -5.26 7.25 -1.36
N ALA D 25 -6.57 7.37 -1.53
CA ALA D 25 -7.51 6.47 -0.89
C ALA D 25 -7.36 5.00 -1.36
N ARG D 26 -7.17 4.77 -2.67
CA ARG D 26 -6.93 3.41 -3.19
C ARG D 26 -5.63 2.82 -2.68
N LEU D 27 -4.56 3.62 -2.66
CA LEU D 27 -3.29 3.21 -2.08
C LEU D 27 -3.38 2.79 -0.60
N GLU D 28 -4.12 3.56 0.20
CA GLU D 28 -4.24 3.26 1.64
C GLU D 28 -5.15 2.06 1.92
N GLU D 29 -6.17 1.89 1.09
CA GLU D 29 -7.00 0.70 1.11
C GLU D 29 -6.20 -0.56 0.77
N LYS D 30 -5.31 -0.47 -0.22
CA LYS D 30 -4.49 -1.60 -0.62
C LYS D 30 -3.58 -2.04 0.53
N VAL D 31 -3.00 -1.05 1.20
CA VAL D 31 -2.07 -1.33 2.30
C VAL D 31 -2.86 -2.03 3.39
N LYS D 32 -4.01 -1.46 3.71
CA LYS D 32 -4.89 -2.04 4.71
C LYS D 32 -5.22 -3.52 4.42
N THR D 33 -5.62 -3.83 3.19
CA THR D 33 -5.99 -5.20 2.88
C THR D 33 -4.79 -6.15 2.77
N LEU D 34 -3.66 -5.67 2.23
CA LEU D 34 -2.47 -6.53 2.18
C LEU D 34 -1.98 -6.85 3.57
N LYS D 35 -2.07 -5.86 4.48
CA LYS D 35 -1.77 -6.09 5.90
C LYS D 35 -2.61 -7.22 6.54
N ALA D 36 -3.91 -7.25 6.24
CA ALA D 36 -4.82 -8.14 6.91
C ALA D 36 -4.60 -9.53 6.37
N GLN D 37 -4.23 -9.57 5.10
CA GLN D 37 -3.98 -10.77 4.35
C GLN D 37 -2.66 -11.39 4.80
N ASN D 38 -1.67 -10.51 5.06
CA ASN D 38 -0.41 -10.94 5.64
C ASN D 38 -0.65 -11.63 6.98
N SER D 39 -1.40 -10.94 7.83
CA SER D 39 -1.79 -11.54 9.09
C SER D 39 -2.43 -12.91 8.92
N GLU D 40 -3.32 -13.05 7.94
CA GLU D 40 -3.97 -14.32 7.68
C GLU D 40 -2.97 -15.38 7.25
N LEU D 41 -2.07 -15.05 6.35
CA LEU D 41 -1.14 -16.03 5.81
C LEU D 41 -0.07 -16.41 6.84
N ALA D 42 0.26 -15.48 7.73
CA ALA D 42 1.25 -15.72 8.79
C ALA D 42 0.67 -16.52 9.95
N SER D 43 -0.57 -16.26 10.36
CA SER D 43 -1.18 -17.15 11.34
C SER D 43 -1.36 -18.55 10.77
N THR D 44 -1.82 -18.65 9.54
CA THR D 44 -1.96 -19.96 8.91
C THR D 44 -0.65 -20.72 8.83
N ALA D 45 0.39 -20.09 8.30
CA ALA D 45 1.70 -20.74 8.30
C ALA D 45 2.05 -21.24 9.71
N ASN D 46 1.86 -20.41 10.73
CA ASN D 46 2.06 -20.80 12.14
C ASN D 46 1.25 -22.01 12.60
N MET D 47 -0.05 -22.04 12.31
CA MET D 47 -0.85 -23.22 12.60
C MET D 47 -0.37 -24.48 11.85
N LEU D 48 0.26 -24.30 10.71
CA LEU D 48 0.73 -25.45 9.92
C LEU D 48 2.05 -26.03 10.40
N ARG D 49 2.94 -25.18 10.93
CA ARG D 49 4.13 -25.64 11.62
C ARG D 49 3.78 -26.58 12.77
N GLU D 50 2.76 -26.22 13.54
CA GLU D 50 2.34 -27.03 14.67
C GLU D 50 1.69 -28.34 14.27
N GLN D 51 1.04 -28.38 13.11
CA GLN D 51 0.56 -29.66 12.62
C GLN D 51 1.77 -30.52 12.25
N VAL D 52 2.83 -29.87 11.77
CA VAL D 52 4.05 -30.57 11.37
C VAL D 52 4.81 -31.08 12.58
N ALA D 53 5.01 -30.21 13.56
CA ALA D 53 5.74 -30.56 14.79
C ALA D 53 4.93 -31.47 15.70
N GLN D 54 3.78 -31.93 15.21
CA GLN D 54 2.94 -32.86 15.97
C GLN D 54 2.59 -34.11 15.17
N LEU D 55 2.59 -33.97 13.85
CA LEU D 55 2.65 -35.14 12.99
C LEU D 55 4.08 -35.69 13.08
N LYS D 56 5.00 -34.87 13.59
CA LYS D 56 6.36 -35.32 13.89
C LYS D 56 6.43 -36.05 15.23
N GLN D 57 5.56 -37.05 15.37
CA GLN D 57 5.50 -37.86 16.57
C GLN D 57 5.30 -39.30 16.15
N LYS D 58 6.29 -40.14 16.43
CA LYS D 58 6.30 -41.52 15.97
C LYS D 58 7.42 -42.34 16.63
#